data_3APV
#
_entry.id   3APV
#
_cell.length_a   66.650
_cell.length_b   45.948
_cell.length_c   120.732
_cell.angle_alpha   90.00
_cell.angle_beta   92.14
_cell.angle_gamma   90.00
#
_symmetry.space_group_name_H-M   'C 1 2 1'
#
loop_
_entity.id
_entity.type
_entity.pdbx_description
1 polymer 'Alpha-1-acid glycoprotein 2'
2 non-polymer Amitriptyline
3 non-polymer 'ACETIC ACID'
4 water water
#
_entity_poly.entity_id   1
_entity_poly.type   'polypeptide(L)'
_entity_poly.pdbx_seq_one_letter_code
;MQIPLCANLVPVPITNATLDRITGKWFYIASAFRNEEYNKSVQEIQATFFYFTPNKTEDTIFLREYQTRQNQCFYNSSYL
NVQRENGTVSRYEGGREHVAHLLFLRDTKTLMFGSYLDDEKNWGLSFYADKPETTKEQLGEFYEALDCLRIPRSDVMYTD
WKKDKCEPLEKQHEKERKQEEGESHHHHHH
;
_entity_poly.pdbx_strand_id   A,B
#
loop_
_chem_comp.id
_chem_comp.type
_chem_comp.name
_chem_comp.formula
ACY non-polymer 'ACETIC ACID' 'C2 H4 O2'
TP0 non-polymer Amitriptyline 'C20 H23 N'
#
# COMPACT_ATOMS: atom_id res chain seq x y z
N PRO A 4 4.39 -39.04 -4.82
CA PRO A 4 4.65 -37.93 -5.74
C PRO A 4 5.01 -36.67 -4.95
N LEU A 5 6.29 -36.27 -4.96
CA LEU A 5 6.83 -35.35 -3.94
C LEU A 5 6.53 -33.87 -4.14
N CYS A 6 6.51 -33.45 -5.40
CA CYS A 6 6.50 -32.05 -5.77
C CYS A 6 5.27 -31.77 -6.62
N ALA A 7 4.30 -32.67 -6.52
CA ALA A 7 3.06 -32.50 -7.21
C ALA A 7 2.39 -31.19 -6.78
N ASN A 8 2.61 -30.74 -5.53
CA ASN A 8 1.80 -29.60 -5.04
C ASN A 8 2.39 -28.27 -5.45
N LEU A 9 3.47 -28.30 -6.20
CA LEU A 9 4.07 -27.10 -6.81
C LEU A 9 3.47 -26.79 -8.21
N VAL A 10 2.64 -27.67 -8.72
CA VAL A 10 1.96 -27.38 -9.99
C VAL A 10 0.75 -26.44 -9.82
N PRO A 11 0.64 -25.37 -10.64
CA PRO A 11 -0.49 -24.45 -10.56
C PRO A 11 -1.84 -25.18 -10.51
N VAL A 12 -2.77 -24.63 -9.74
CA VAL A 12 -4.10 -25.20 -9.58
C VAL A 12 -5.15 -24.10 -9.64
N PRO A 13 -6.16 -24.27 -10.54
CA PRO A 13 -7.11 -23.18 -10.71
C PRO A 13 -7.87 -22.86 -9.43
N ILE A 14 -8.28 -21.62 -9.30
CA ILE A 14 -9.00 -21.15 -8.13
C ILE A 14 -10.49 -21.14 -8.39
N THR A 15 -11.21 -21.88 -7.54
CA THR A 15 -12.68 -21.92 -7.56
C THR A 15 -13.19 -21.08 -6.38
N ASN A 16 -14.51 -20.96 -6.27
CA ASN A 16 -15.19 -20.45 -5.05
C ASN A 16 -14.90 -21.25 -3.78
N ALA A 17 -14.91 -22.58 -3.91
CA ALA A 17 -14.39 -23.47 -2.87
C ALA A 17 -12.97 -23.11 -2.41
N THR A 18 -12.06 -22.86 -3.35
CA THR A 18 -10.69 -22.39 -2.99
C THR A 18 -10.75 -21.11 -2.17
N LEU A 19 -11.56 -20.16 -2.65
CA LEU A 19 -11.75 -18.86 -1.98
C LEU A 19 -12.35 -19.00 -0.59
N ASP A 20 -13.33 -19.89 -0.46
CA ASP A 20 -13.86 -20.25 0.84
C ASP A 20 -12.76 -20.82 1.75
N ARG A 21 -11.92 -21.69 1.18
CA ARG A 21 -10.85 -22.31 1.96
C ARG A 21 -9.85 -21.29 2.55
N ILE A 22 -9.53 -20.24 1.80
CA ILE A 22 -8.58 -19.22 2.26
C ILE A 22 -9.19 -18.02 2.98
N THR A 23 -10.52 -18.01 3.15
CA THR A 23 -11.21 -16.96 3.89
C THR A 23 -10.78 -16.98 5.39
N GLY A 24 -10.45 -15.82 5.94
CA GLY A 24 -10.07 -15.73 7.35
C GLY A 24 -8.68 -15.14 7.62
N LYS A 25 -8.26 -15.33 8.86
CA LYS A 25 -7.03 -14.80 9.44
C LYS A 25 -5.93 -15.80 9.15
N TRP A 26 -4.80 -15.33 8.67
CA TRP A 26 -3.67 -16.20 8.44
C TRP A 26 -2.45 -15.58 9.07
N PHE A 27 -1.46 -16.39 9.39
CA PHE A 27 -0.22 -15.87 9.93
C PHE A 27 0.92 -16.20 8.97
N TYR A 28 1.73 -15.21 8.63
CA TYR A 28 2.93 -15.44 7.84
C TYR A 28 3.94 -16.17 8.69
N ILE A 29 4.31 -17.38 8.29
CA ILE A 29 5.25 -18.22 9.01
C ILE A 29 6.74 -18.12 8.57
N ALA A 30 6.98 -18.15 7.27
CA ALA A 30 8.32 -18.34 6.72
C ALA A 30 8.33 -18.28 5.18
N SER A 31 9.48 -18.01 4.57
CA SER A 31 9.64 -17.99 3.11
C SER A 31 11.11 -18.14 2.79
N ALA A 32 11.38 -18.40 1.51
CA ALA A 32 12.75 -18.44 0.98
C ALA A 32 12.62 -18.19 -0.54
N PHE A 33 13.59 -17.52 -1.16
CA PHE A 33 13.47 -17.17 -2.59
C PHE A 33 14.85 -17.20 -3.24
N ARG A 34 14.88 -17.36 -4.56
CA ARG A 34 16.12 -17.15 -5.31
C ARG A 34 16.21 -15.70 -5.81
N ASN A 35 15.06 -15.05 -5.88
CA ASN A 35 14.93 -13.63 -6.23
C ASN A 35 15.44 -12.66 -5.12
N GLU A 36 16.46 -11.88 -5.41
CA GLU A 36 17.12 -11.09 -4.35
C GLU A 36 16.33 -9.92 -3.78
N GLU A 37 15.61 -9.23 -4.65
CA GLU A 37 14.64 -8.21 -4.24
C GLU A 37 13.65 -8.68 -3.16
N TYR A 38 13.02 -9.84 -3.37
CA TYR A 38 12.10 -10.37 -2.37
C TYR A 38 12.85 -10.77 -1.08
N ASN A 39 14.03 -11.40 -1.20
CA ASN A 39 14.87 -11.67 0.01
C ASN A 39 15.13 -10.42 0.86
N LYS A 40 15.58 -9.37 0.18
CA LYS A 40 15.80 -8.04 0.74
C LYS A 40 14.59 -7.45 1.49
N SER A 41 13.42 -7.44 0.86
CA SER A 41 12.28 -6.80 1.53
C SER A 41 11.72 -7.66 2.65
N VAL A 42 11.71 -8.97 2.43
CA VAL A 42 11.06 -9.89 3.37
C VAL A 42 11.90 -10.12 4.63
N GLN A 43 13.22 -9.95 4.49
CA GLN A 43 14.18 -9.95 5.62
C GLN A 43 13.76 -9.13 6.83
N GLU A 44 13.19 -7.96 6.53
CA GLU A 44 12.88 -6.96 7.51
C GLU A 44 11.58 -7.28 8.24
N ILE A 45 10.84 -8.24 7.69
CA ILE A 45 9.55 -8.64 8.31
C ILE A 45 9.79 -9.39 9.63
N GLN A 46 9.32 -8.82 10.73
CA GLN A 46 9.45 -9.52 12.01
C GLN A 46 8.28 -10.46 12.24
N ALA A 47 7.09 -9.99 11.91
CA ALA A 47 5.89 -10.81 12.01
C ALA A 47 4.82 -10.22 11.10
N THR A 48 3.84 -11.03 10.73
CA THR A 48 2.69 -10.51 9.99
C THR A 48 1.52 -11.41 10.20
N PHE A 49 0.36 -10.83 10.50
CA PHE A 49 -0.90 -11.54 10.25
C PHE A 49 -1.82 -10.75 9.34
N PHE A 50 -2.83 -11.40 8.78
CA PHE A 50 -3.67 -10.74 7.80
C PHE A 50 -5.04 -11.42 7.69
N TYR A 51 -5.96 -10.72 7.05
CA TYR A 51 -7.31 -11.26 6.78
C TYR A 51 -7.60 -11.29 5.26
N PHE A 52 -8.06 -12.44 4.78
CA PHE A 52 -8.64 -12.51 3.43
C PHE A 52 -10.12 -12.50 3.52
N THR A 53 -10.75 -11.62 2.76
CA THR A 53 -12.22 -11.60 2.58
C THR A 53 -12.43 -11.53 1.08
N PRO A 54 -12.54 -12.69 0.42
CA PRO A 54 -12.79 -12.77 -1.01
C PRO A 54 -14.17 -12.23 -1.40
N ASN A 55 -14.20 -11.52 -2.54
CA ASN A 55 -15.42 -11.21 -3.28
C ASN A 55 -15.42 -12.06 -4.53
N LYS A 56 -16.05 -13.23 -4.42
CA LYS A 56 -16.17 -14.21 -5.50
C LYS A 56 -16.77 -13.62 -6.79
N THR A 57 -17.71 -12.69 -6.65
CA THR A 57 -18.33 -12.09 -7.83
C THR A 57 -17.34 -11.23 -8.62
N GLU A 58 -16.39 -10.62 -7.89
CA GLU A 58 -15.44 -9.69 -8.51
C GLU A 58 -14.06 -10.28 -8.78
N ASP A 59 -13.81 -11.50 -8.32
CA ASP A 59 -12.47 -12.05 -8.45
C ASP A 59 -11.44 -11.12 -7.83
N THR A 60 -11.75 -10.67 -6.63
CA THR A 60 -10.80 -9.97 -5.82
C THR A 60 -10.86 -10.53 -4.39
N ILE A 61 -9.85 -10.17 -3.61
CA ILE A 61 -9.78 -10.55 -2.22
C ILE A 61 -9.41 -9.29 -1.46
N PHE A 62 -10.26 -8.90 -0.53
CA PHE A 62 -9.94 -7.80 0.34
C PHE A 62 -8.89 -8.23 1.35
N LEU A 63 -7.79 -7.51 1.42
CA LEU A 63 -6.68 -7.85 2.34
C LEU A 63 -6.54 -6.82 3.47
N ARG A 64 -6.65 -7.23 4.72
CA ARG A 64 -6.28 -6.38 5.83
C ARG A 64 -5.00 -6.93 6.41
N GLU A 65 -3.89 -6.22 6.23
CA GLU A 65 -2.56 -6.72 6.58
C GLU A 65 -1.91 -6.00 7.75
N TYR A 66 -1.36 -6.78 8.67
CA TYR A 66 -0.75 -6.23 9.89
C TYR A 66 0.68 -6.74 10.01
N GLN A 67 1.61 -5.90 9.55
CA GLN A 67 3.02 -6.23 9.44
C GLN A 67 3.83 -5.55 10.53
N THR A 68 4.74 -6.31 11.16
CA THR A 68 5.69 -5.76 12.14
C THR A 68 7.09 -5.74 11.54
N ARG A 69 7.66 -4.55 11.41
CA ARG A 69 9.06 -4.37 11.00
C ARG A 69 9.60 -3.26 11.89
N GLN A 70 10.93 -3.23 12.07
CA GLN A 70 11.63 -2.35 13.05
C GLN A 70 10.81 -2.03 14.29
N ASN A 71 10.22 -3.07 14.87
CA ASN A 71 9.34 -2.95 16.03
C ASN A 71 8.30 -1.82 15.95
N GLN A 72 7.64 -1.74 14.79
CA GLN A 72 6.47 -0.88 14.55
C GLN A 72 5.39 -1.72 13.89
N CYS A 73 4.12 -1.31 14.02
CA CYS A 73 3.03 -1.94 13.28
C CYS A 73 2.64 -1.14 12.02
N PHE A 74 2.82 -1.77 10.86
CA PHE A 74 2.39 -1.19 9.58
C PHE A 74 1.11 -1.91 9.15
N TYR A 75 0.03 -1.15 9.05
CA TYR A 75 -1.26 -1.70 8.68
C TYR A 75 -1.59 -1.18 7.32
N ASN A 76 -2.12 -2.06 6.46
CA ASN A 76 -2.56 -1.70 5.12
C ASN A 76 -3.77 -2.52 4.71
N SER A 77 -4.75 -1.90 4.09
CA SER A 77 -5.76 -2.70 3.39
C SER A 77 -5.71 -2.44 1.87
N SER A 78 -6.14 -3.43 1.11
CA SER A 78 -6.01 -3.38 -0.33
C SER A 78 -6.76 -4.57 -0.87
N TYR A 79 -6.88 -4.60 -2.19
CA TYR A 79 -7.49 -5.71 -2.89
C TYR A 79 -6.41 -6.45 -3.69
N LEU A 80 -6.42 -7.76 -3.57
CA LEU A 80 -5.73 -8.65 -4.47
C LEU A 80 -6.68 -9.00 -5.63
N ASN A 81 -6.16 -9.11 -6.86
CA ASN A 81 -6.96 -9.70 -7.94
C ASN A 81 -6.70 -11.17 -8.07
N VAL A 82 -7.73 -11.94 -8.43
CA VAL A 82 -7.65 -13.39 -8.60
C VAL A 82 -7.65 -13.70 -10.10
N GLN A 83 -6.72 -14.52 -10.56
CA GLN A 83 -6.77 -15.00 -11.93
C GLN A 83 -7.00 -16.51 -11.79
N ARG A 84 -8.26 -16.89 -11.94
CA ARG A 84 -8.76 -18.21 -11.57
C ARG A 84 -8.19 -19.37 -12.40
N GLU A 85 -8.10 -19.22 -13.71
CA GLU A 85 -7.58 -20.31 -14.55
C GLU A 85 -6.14 -20.61 -14.14
N ASN A 86 -5.38 -19.54 -13.92
CA ASN A 86 -3.94 -19.63 -13.63
C ASN A 86 -3.60 -20.04 -12.22
N GLY A 87 -4.59 -20.02 -11.33
CA GLY A 87 -4.31 -20.23 -9.91
C GLY A 87 -3.39 -19.21 -9.26
N THR A 88 -3.49 -17.95 -9.71
CA THR A 88 -2.68 -16.88 -9.13
C THR A 88 -3.52 -15.80 -8.50
N VAL A 89 -2.86 -14.99 -7.70
CA VAL A 89 -3.42 -13.79 -7.14
C VAL A 89 -2.40 -12.70 -7.40
N SER A 90 -2.83 -11.47 -7.53
CA SER A 90 -1.89 -10.41 -7.82
C SER A 90 -2.25 -9.14 -7.03
N ARG A 91 -1.30 -8.21 -6.98
CA ARG A 91 -1.46 -6.92 -6.32
C ARG A 91 -0.35 -6.02 -6.86
N TYR A 92 -0.75 -4.85 -7.34
CA TYR A 92 0.18 -3.84 -7.74
C TYR A 92 0.59 -3.13 -6.45
N GLU A 93 1.89 -2.97 -6.23
CA GLU A 93 2.35 -2.24 -5.05
C GLU A 93 3.72 -1.61 -5.22
N GLY A 94 3.78 -0.33 -4.83
CA GLY A 94 4.99 0.47 -4.91
C GLY A 94 5.61 0.34 -6.27
N GLY A 95 4.83 0.65 -7.30
CA GLY A 95 5.35 0.69 -8.67
C GLY A 95 5.05 -0.51 -9.53
N ARG A 96 5.10 -1.72 -8.95
CA ARG A 96 5.11 -2.96 -9.73
C ARG A 96 3.90 -3.88 -9.47
N GLU A 97 3.48 -4.65 -10.47
CA GLU A 97 2.49 -5.71 -10.26
C GLU A 97 3.19 -6.96 -9.70
N HIS A 98 2.65 -7.52 -8.62
CA HIS A 98 3.18 -8.75 -8.05
C HIS A 98 2.16 -9.87 -8.26
N VAL A 99 2.64 -11.04 -8.67
CA VAL A 99 1.79 -12.19 -8.89
C VAL A 99 2.34 -13.38 -8.11
N ALA A 100 1.45 -14.21 -7.58
CA ALA A 100 1.86 -15.42 -6.88
C ALA A 100 0.87 -16.50 -7.14
N HIS A 101 1.36 -17.71 -7.37
CA HIS A 101 0.51 -18.92 -7.33
C HIS A 101 0.07 -19.32 -5.92
N LEU A 102 -1.24 -19.49 -5.73
CA LEU A 102 -1.78 -20.13 -4.58
C LEU A 102 -1.62 -21.67 -4.64
N LEU A 103 -0.83 -22.20 -3.70
CA LEU A 103 -0.51 -23.62 -3.65
C LEU A 103 -0.91 -24.21 -2.32
N PHE A 104 -1.14 -25.50 -2.24
CA PHE A 104 -1.60 -26.07 -1.00
C PHE A 104 -0.71 -27.19 -0.48
N LEU A 105 -0.78 -27.43 0.82
CA LEU A 105 -0.11 -28.57 1.42
C LEU A 105 -1.20 -29.49 1.85
N ARG A 106 -0.79 -30.63 2.40
CA ARG A 106 -1.71 -31.64 2.86
C ARG A 106 -2.48 -31.13 4.07
N ASP A 107 -1.81 -30.37 4.93
CA ASP A 107 -2.49 -29.67 6.00
C ASP A 107 -3.41 -28.57 5.49
N THR A 108 -4.68 -28.78 5.75
CA THR A 108 -5.72 -27.82 5.45
C THR A 108 -5.60 -26.49 6.23
N LYS A 109 -4.75 -26.48 7.25
CA LYS A 109 -4.60 -25.30 8.11
C LYS A 109 -3.45 -24.40 7.67
N THR A 110 -2.83 -24.76 6.56
CA THR A 110 -1.71 -24.00 6.00
C THR A 110 -1.98 -23.65 4.54
N LEU A 111 -1.22 -22.69 4.01
CA LEU A 111 -1.14 -22.43 2.59
C LEU A 111 0.20 -21.85 2.25
N MET A 112 0.48 -21.83 0.95
CA MET A 112 1.73 -21.35 0.45
C MET A 112 1.40 -20.41 -0.73
N PHE A 113 2.21 -19.35 -0.90
CA PHE A 113 2.19 -18.59 -2.15
C PHE A 113 3.52 -18.84 -2.85
N GLY A 114 3.46 -19.08 -4.17
CA GLY A 114 4.64 -19.31 -4.99
C GLY A 114 4.94 -18.12 -5.85
N SER A 115 6.16 -17.62 -5.77
CA SER A 115 6.58 -16.45 -6.55
C SER A 115 7.55 -16.89 -7.65
N TYR A 116 7.42 -16.28 -8.82
CA TYR A 116 8.26 -16.54 -9.99
C TYR A 116 8.46 -18.02 -10.25
N LEU A 117 7.42 -18.83 -10.07
CA LEU A 117 7.55 -20.30 -10.18
C LEU A 117 8.12 -20.80 -11.50
N ASP A 118 8.13 -19.94 -12.53
CA ASP A 118 8.46 -20.42 -13.84
C ASP A 118 9.95 -20.20 -14.10
N ASP A 119 10.64 -19.69 -13.08
CA ASP A 119 11.99 -19.17 -13.26
C ASP A 119 12.95 -19.73 -12.22
N GLU A 120 13.75 -20.72 -12.61
CA GLU A 120 14.71 -21.35 -11.66
C GLU A 120 15.67 -20.36 -10.99
N LYS A 121 15.88 -19.21 -11.63
CA LYS A 121 16.75 -18.18 -11.12
C LYS A 121 16.10 -17.30 -10.05
N ASN A 122 14.76 -17.24 -10.05
CA ASN A 122 14.03 -16.36 -9.13
C ASN A 122 12.99 -16.98 -8.20
N TRP A 123 12.63 -18.25 -8.42
CA TRP A 123 11.51 -18.79 -7.65
C TRP A 123 11.67 -18.78 -6.11
N GLY A 124 10.54 -18.83 -5.42
CA GLY A 124 10.48 -18.86 -3.96
C GLY A 124 9.08 -19.24 -3.51
N LEU A 125 8.93 -19.57 -2.23
CA LEU A 125 7.69 -19.99 -1.60
C LEU A 125 7.54 -19.26 -0.31
N SER A 126 6.32 -18.87 0.02
CA SER A 126 6.01 -18.29 1.35
C SER A 126 4.96 -19.15 1.95
N PHE A 127 5.09 -19.33 3.25
CA PHE A 127 4.32 -20.29 4.04
C PHE A 127 3.53 -19.56 5.12
N TYR A 128 2.26 -19.97 5.25
CA TYR A 128 1.27 -19.31 6.08
C TYR A 128 0.52 -20.37 6.79
N ALA A 129 0.08 -20.06 8.02
CA ALA A 129 -0.73 -20.94 8.82
C ALA A 129 -1.80 -20.17 9.63
N ASP A 130 -2.83 -20.90 10.08
CA ASP A 130 -3.87 -20.28 10.90
C ASP A 130 -3.49 -20.03 12.39
N LYS A 131 -2.27 -20.41 12.77
CA LYS A 131 -1.64 -20.06 14.04
C LYS A 131 -0.31 -19.39 13.72
N PRO A 132 0.18 -18.53 14.64
CA PRO A 132 1.48 -17.85 14.51
C PRO A 132 2.66 -18.80 14.68
N GLU A 133 2.36 -20.01 15.13
CA GLU A 133 3.39 -21.02 15.33
C GLU A 133 2.95 -22.25 14.62
N THR A 134 3.92 -22.97 14.09
CA THR A 134 3.59 -24.11 13.26
C THR A 134 4.10 -25.40 13.95
N THR A 135 3.38 -26.51 13.73
CA THR A 135 3.81 -27.83 14.17
C THR A 135 4.98 -28.32 13.34
N LYS A 136 5.72 -29.31 13.84
CA LYS A 136 6.83 -29.85 13.09
C LYS A 136 6.35 -30.57 11.82
N GLU A 137 5.13 -31.09 11.82
CA GLU A 137 4.50 -31.69 10.63
C GLU A 137 4.24 -30.66 9.53
N GLN A 138 3.67 -29.51 9.92
CA GLN A 138 3.41 -28.44 8.92
C GLN A 138 4.70 -27.93 8.34
N LEU A 139 5.70 -27.79 9.21
CA LEU A 139 6.95 -27.24 8.76
C LEU A 139 7.70 -28.21 7.82
N GLY A 140 7.53 -29.50 8.02
CA GLY A 140 8.15 -30.48 7.13
C GLY A 140 7.56 -30.45 5.70
N GLU A 141 6.24 -30.29 5.59
CA GLU A 141 5.56 -30.15 4.29
C GLU A 141 6.09 -28.93 3.56
N PHE A 142 6.29 -27.81 4.27
CA PHE A 142 6.92 -26.64 3.68
C PHE A 142 8.35 -26.89 3.21
N TYR A 143 9.17 -27.56 4.02
CA TYR A 143 10.56 -27.89 3.66
C TYR A 143 10.62 -28.80 2.47
N GLU A 144 9.69 -29.76 2.45
CA GLU A 144 9.60 -30.70 1.37
C GLU A 144 9.26 -29.98 0.10
N ALA A 145 8.50 -28.88 0.18
CA ALA A 145 8.23 -28.05 -1.02
C ALA A 145 9.45 -27.22 -1.48
N LEU A 146 10.24 -26.73 -0.52
CA LEU A 146 11.54 -26.14 -0.81
C LEU A 146 12.48 -27.14 -1.47
N ASP A 147 12.61 -28.33 -0.89
CA ASP A 147 13.42 -29.39 -1.46
C ASP A 147 13.11 -29.51 -2.94
N CYS A 148 11.82 -29.45 -3.28
CA CYS A 148 11.37 -29.56 -4.68
C CYS A 148 11.91 -28.47 -5.57
N LEU A 149 12.11 -27.28 -4.99
CA LEU A 149 12.57 -26.14 -5.78
C LEU A 149 14.08 -26.04 -5.68
N ARG A 150 14.67 -27.00 -4.98
CA ARG A 150 16.11 -27.06 -4.67
C ARG A 150 16.60 -25.79 -3.93
N ILE A 151 15.79 -25.34 -2.99
CA ILE A 151 16.12 -24.22 -2.11
C ILE A 151 16.48 -24.79 -0.72
N PRO A 152 17.75 -24.64 -0.30
CA PRO A 152 18.14 -25.26 0.97
C PRO A 152 17.30 -24.72 2.14
N ARG A 153 17.00 -25.61 3.08
CA ARG A 153 16.25 -25.19 4.28
C ARG A 153 16.92 -24.07 5.07
N SER A 154 18.26 -23.96 4.99
CA SER A 154 18.97 -22.92 5.72
C SER A 154 18.76 -21.50 5.15
N ASP A 155 18.21 -21.42 3.94
CA ASP A 155 17.88 -20.12 3.33
C ASP A 155 16.58 -19.49 3.82
N VAL A 156 15.78 -20.27 4.54
CA VAL A 156 14.46 -19.83 5.03
C VAL A 156 14.54 -18.71 6.06
N MET A 157 13.81 -17.63 5.77
CA MET A 157 13.62 -16.51 6.68
C MET A 157 12.35 -16.77 7.47
N TYR A 158 12.38 -16.58 8.78
CA TYR A 158 11.20 -16.85 9.62
C TYR A 158 10.65 -15.61 10.31
N THR A 159 9.34 -15.61 10.57
CA THR A 159 8.81 -14.68 11.55
C THR A 159 9.17 -15.14 13.04
N ASP A 160 9.19 -14.18 13.95
CA ASP A 160 9.32 -14.45 15.39
C ASP A 160 8.01 -13.91 15.95
N TRP A 161 7.04 -14.79 16.22
CA TRP A 161 5.82 -14.30 16.85
C TRP A 161 6.11 -13.55 18.20
N LYS A 162 7.29 -13.76 18.81
CA LYS A 162 7.68 -12.96 20.01
C LYS A 162 7.74 -11.46 19.69
N LYS A 163 8.12 -11.14 18.44
CA LYS A 163 8.40 -9.77 18.03
C LYS A 163 7.17 -8.96 17.54
N ASP A 164 5.96 -9.52 17.61
CA ASP A 164 4.77 -8.85 17.03
C ASP A 164 4.31 -7.57 17.71
N LYS A 165 4.10 -6.50 16.95
CA LYS A 165 3.62 -5.23 17.51
C LYS A 165 2.21 -4.79 17.05
N CYS A 166 1.46 -5.70 16.41
CA CYS A 166 0.19 -5.33 15.76
C CYS A 166 -1.08 -5.74 16.49
N GLU A 167 -1.01 -6.78 17.33
CA GLU A 167 -2.16 -7.14 18.16
C GLU A 167 -2.90 -5.88 18.66
N PRO A 168 -2.18 -4.95 19.32
CA PRO A 168 -2.86 -3.82 19.97
C PRO A 168 -3.55 -2.86 19.01
N LEU A 169 -3.16 -2.85 17.73
CA LEU A 169 -3.86 -2.07 16.70
C LEU A 169 -5.09 -2.80 16.15
N GLU A 170 -4.94 -4.10 15.90
CA GLU A 170 -6.04 -4.92 15.38
C GLU A 170 -7.24 -4.95 16.34
N LYS A 171 -6.97 -4.83 17.64
CA LYS A 171 -8.05 -4.79 18.61
C LYS A 171 -8.62 -3.39 18.69
N GLN A 172 -7.73 -2.40 18.57
CA GLN A 172 -8.12 -0.98 18.45
C GLN A 172 -8.97 -0.75 17.17
N HIS A 173 -9.01 -1.73 16.28
CA HIS A 173 -9.82 -1.66 15.06
C HIS A 173 -11.22 -2.24 15.26
N PRO B 4 7.29 37.30 1.33
CA PRO B 4 6.04 38.01 1.55
C PRO B 4 4.92 37.52 0.63
N LEU B 5 5.27 36.58 -0.25
CA LEU B 5 4.49 36.18 -1.41
C LEU B 5 4.61 34.67 -1.54
N CYS B 6 5.73 34.15 -1.08
CA CYS B 6 5.97 32.72 -1.01
C CYS B 6 6.01 32.31 0.44
N ALA B 7 5.35 33.12 1.26
CA ALA B 7 5.30 32.94 2.70
C ALA B 7 4.65 31.61 3.07
N ASN B 8 3.71 31.16 2.24
CA ASN B 8 2.94 29.97 2.55
C ASN B 8 3.64 28.65 2.17
N LEU B 9 4.91 28.77 1.75
CA LEU B 9 5.78 27.63 1.54
C LEU B 9 6.61 27.26 2.77
N VAL B 10 6.48 28.04 3.84
CA VAL B 10 7.16 27.79 5.10
C VAL B 10 6.42 26.73 5.90
N PRO B 11 7.15 25.70 6.39
CA PRO B 11 6.53 24.69 7.23
C PRO B 11 5.70 25.32 8.34
N VAL B 12 4.49 24.78 8.51
CA VAL B 12 3.54 25.21 9.51
C VAL B 12 3.33 24.02 10.42
N PRO B 13 3.52 24.21 11.74
CA PRO B 13 3.30 23.10 12.65
C PRO B 13 1.89 22.52 12.52
N ILE B 14 1.74 21.24 12.83
CA ILE B 14 0.44 20.62 12.82
C ILE B 14 -0.15 20.58 14.23
N THR B 15 -1.29 21.24 14.40
CA THR B 15 -2.05 21.14 15.66
C THR B 15 -3.31 20.30 15.50
N ASN B 16 -4.09 20.19 16.57
CA ASN B 16 -5.37 19.48 16.51
C ASN B 16 -6.42 20.16 15.60
N ALA B 17 -6.45 21.49 15.61
CA ALA B 17 -7.31 22.24 14.68
C ALA B 17 -6.91 21.96 13.23
N THR B 18 -5.61 21.96 12.95
CA THR B 18 -5.09 21.60 11.61
C THR B 18 -5.64 20.25 11.18
N LEU B 19 -5.50 19.27 12.07
CA LEU B 19 -5.99 17.92 11.86
C LEU B 19 -7.49 17.88 11.62
N ASP B 20 -8.23 18.81 12.24
CA ASP B 20 -9.65 18.97 11.96
C ASP B 20 -9.89 19.58 10.59
N ARG B 21 -9.02 20.51 10.21
CA ARG B 21 -9.18 21.22 8.96
C ARG B 21 -9.09 20.25 7.79
N ILE B 22 -8.23 19.23 7.92
CA ILE B 22 -7.92 18.31 6.83
C ILE B 22 -8.71 17.00 6.88
N THR B 23 -9.50 16.83 7.94
CA THR B 23 -10.36 15.68 8.11
C THR B 23 -11.41 15.71 7.01
N GLY B 24 -11.53 14.61 6.25
CA GLY B 24 -12.60 14.48 5.28
C GLY B 24 -12.24 14.02 3.89
N LYS B 25 -13.17 14.21 2.97
CA LYS B 25 -12.98 13.84 1.55
C LYS B 25 -12.20 14.92 0.77
N TRP B 26 -11.13 14.49 0.10
CA TRP B 26 -10.30 15.36 -0.73
C TRP B 26 -10.05 14.74 -2.09
N PHE B 27 -9.92 15.59 -3.11
CA PHE B 27 -9.65 15.15 -4.46
C PHE B 27 -8.27 15.64 -4.85
N TYR B 28 -7.51 14.79 -5.53
CA TYR B 28 -6.22 15.20 -6.06
C TYR B 28 -6.44 15.98 -7.37
N ILE B 29 -5.86 17.18 -7.46
CA ILE B 29 -6.10 18.07 -8.60
C ILE B 29 -4.91 18.14 -9.59
N ALA B 30 -3.72 18.41 -9.04
CA ALA B 30 -2.56 18.66 -9.88
C ALA B 30 -1.32 18.61 -9.04
N SER B 31 -0.19 18.36 -9.71
CA SER B 31 1.12 18.39 -9.07
C SER B 31 2.22 18.62 -10.11
N ALA B 32 3.41 18.96 -9.60
CA ALA B 32 4.59 19.14 -10.42
C ALA B 32 5.76 18.97 -9.46
N PHE B 33 6.86 18.47 -9.99
CA PHE B 33 8.01 18.13 -9.15
C PHE B 33 9.25 18.29 -9.97
N ARG B 34 10.34 18.67 -9.32
CA ARG B 34 11.63 18.57 -9.99
C ARG B 34 12.16 17.14 -9.91
N ASN B 35 11.76 16.43 -8.87
CA ASN B 35 12.09 15.02 -8.68
C ASN B 35 11.41 14.11 -9.72
N GLU B 36 12.20 13.52 -10.62
CA GLU B 36 11.68 12.71 -11.73
C GLU B 36 10.98 11.41 -11.34
N GLU B 37 11.46 10.75 -10.30
CA GLU B 37 10.83 9.55 -9.73
C GLU B 37 9.35 9.81 -9.39
N TYR B 38 9.07 10.95 -8.75
CA TYR B 38 7.69 11.42 -8.52
C TYR B 38 6.94 11.78 -9.79
N ASN B 39 7.61 12.39 -10.76
CA ASN B 39 6.95 12.70 -12.03
C ASN B 39 6.51 11.45 -12.77
N LYS B 40 7.40 10.44 -12.76
CA LYS B 40 7.18 9.16 -13.43
C LYS B 40 5.94 8.46 -12.86
N SER B 41 5.82 8.46 -11.53
CA SER B 41 4.72 7.72 -10.89
C SER B 41 3.38 8.48 -10.98
N VAL B 42 3.37 9.73 -10.54
CA VAL B 42 2.17 10.59 -10.57
C VAL B 42 1.58 10.77 -11.98
N GLN B 43 2.43 10.85 -13.00
CA GLN B 43 2.02 10.87 -14.41
C GLN B 43 0.86 9.94 -14.72
N GLU B 44 0.90 8.69 -14.23
CA GLU B 44 -0.12 7.70 -14.58
C GLU B 44 -1.48 7.80 -13.87
N ILE B 45 -1.56 8.65 -12.84
CA ILE B 45 -2.76 8.84 -12.03
C ILE B 45 -3.72 9.68 -12.81
N GLN B 46 -4.85 9.10 -13.15
CA GLN B 46 -5.88 9.80 -13.91
C GLN B 46 -6.77 10.63 -13.00
N ALA B 47 -7.11 10.09 -11.83
CA ALA B 47 -7.93 10.77 -10.84
C ALA B 47 -7.61 10.15 -9.51
N THR B 48 -7.93 10.87 -8.43
CA THR B 48 -7.78 10.35 -7.07
C THR B 48 -8.66 11.14 -6.11
N PHE B 49 -9.43 10.39 -5.33
CA PHE B 49 -10.00 10.93 -4.09
C PHE B 49 -9.64 10.06 -2.87
N PHE B 50 -9.65 10.67 -1.68
CA PHE B 50 -9.28 9.99 -0.45
C PHE B 50 -9.92 10.62 0.80
N TYR B 51 -9.88 9.90 1.93
CA TYR B 51 -10.37 10.42 3.22
C TYR B 51 -9.24 10.50 4.24
N PHE B 52 -9.20 11.57 5.03
CA PHE B 52 -8.28 11.65 6.19
C PHE B 52 -9.06 11.48 7.48
N THR B 53 -8.71 10.47 8.28
CA THR B 53 -9.28 10.31 9.63
C THR B 53 -8.18 10.46 10.68
N PRO B 54 -8.00 11.68 11.21
CA PRO B 54 -6.93 11.90 12.16
C PRO B 54 -7.13 11.10 13.43
N ASN B 55 -6.02 10.60 13.95
CA ASN B 55 -5.94 10.06 15.30
C ASN B 55 -4.98 10.97 16.06
N LYS B 56 -5.57 11.91 16.80
CA LYS B 56 -4.83 12.99 17.45
C LYS B 56 -3.92 12.46 18.54
N THR B 57 -4.46 11.51 19.30
CA THR B 57 -3.74 10.88 20.40
C THR B 57 -2.48 10.12 19.91
N GLU B 58 -2.59 9.49 18.74
CA GLU B 58 -1.50 8.64 18.25
C GLU B 58 -0.53 9.32 17.26
N ASP B 59 -0.79 10.57 16.90
CA ASP B 59 -0.01 11.29 15.86
C ASP B 59 0.05 10.53 14.53
N THR B 60 -1.10 10.02 14.10
CA THR B 60 -1.24 9.41 12.78
C THR B 60 -2.51 9.88 12.08
N ILE B 61 -2.59 9.69 10.77
CA ILE B 61 -3.80 9.94 10.01
C ILE B 61 -4.17 8.69 9.23
N PHE B 62 -5.43 8.27 9.38
CA PHE B 62 -5.92 7.11 8.64
C PHE B 62 -6.35 7.54 7.24
N LEU B 63 -5.69 6.96 6.25
CA LEU B 63 -5.87 7.32 4.85
C LEU B 63 -6.65 6.23 4.11
N ARG B 64 -7.70 6.62 3.41
CA ARG B 64 -8.42 5.68 2.54
C ARG B 64 -8.45 6.27 1.15
N GLU B 65 -7.55 5.85 0.26
CA GLU B 65 -7.51 6.44 -1.09
C GLU B 65 -8.05 5.58 -2.20
N TYR B 66 -8.66 6.30 -3.15
CA TYR B 66 -9.28 5.73 -4.35
C TYR B 66 -8.67 6.41 -5.57
N GLN B 67 -7.82 5.65 -6.25
CA GLN B 67 -6.96 6.16 -7.27
C GLN B 67 -7.28 5.43 -8.56
N THR B 68 -7.39 6.19 -9.65
CA THR B 68 -7.63 5.59 -10.95
C THR B 68 -6.38 5.67 -11.81
N ARG B 69 -5.92 4.53 -12.31
CA ARG B 69 -4.78 4.43 -13.21
C ARG B 69 -5.11 3.35 -14.23
N GLN B 70 -4.62 3.51 -15.46
CA GLN B 70 -4.97 2.59 -16.54
C GLN B 70 -6.43 2.18 -16.39
N ASN B 71 -7.30 3.20 -16.26
CA ASN B 71 -8.76 3.06 -16.34
C ASN B 71 -9.43 2.02 -15.41
N GLN B 72 -8.92 1.88 -14.19
CA GLN B 72 -9.52 0.96 -13.21
C GLN B 72 -9.21 1.48 -11.81
N CYS B 73 -9.99 1.05 -10.82
CA CYS B 73 -9.87 1.58 -9.47
C CYS B 73 -8.91 0.79 -8.57
N PHE B 74 -7.97 1.50 -7.96
CA PHE B 74 -7.08 0.92 -6.95
C PHE B 74 -7.35 1.54 -5.58
N TYR B 75 -7.76 0.71 -4.61
CA TYR B 75 -8.02 1.17 -3.25
C TYR B 75 -6.93 0.70 -2.26
N ASN B 76 -6.50 1.60 -1.37
CA ASN B 76 -5.55 1.29 -0.29
C ASN B 76 -5.92 2.07 0.94
N SER B 77 -5.85 1.43 2.10
CA SER B 77 -5.92 2.17 3.34
C SER B 77 -4.63 1.90 4.06
N SER B 78 -4.15 2.90 4.77
CA SER B 78 -2.89 2.84 5.47
C SER B 78 -2.91 3.97 6.47
N TYR B 79 -1.83 4.07 7.24
CA TYR B 79 -1.60 5.20 8.13
C TYR B 79 -0.46 6.07 7.64
N LEU B 80 -0.64 7.38 7.82
CA LEU B 80 0.43 8.34 7.69
C LEU B 80 0.87 8.77 9.08
N ASN B 81 2.17 8.88 9.30
CA ASN B 81 2.69 9.39 10.56
C ASN B 81 2.78 10.90 10.51
N VAL B 82 2.31 11.54 11.56
CA VAL B 82 2.34 13.00 11.67
C VAL B 82 3.53 13.42 12.53
N GLN B 83 4.37 14.30 11.98
CA GLN B 83 5.46 14.93 12.73
C GLN B 83 5.00 16.36 13.01
N ARG B 84 4.50 16.58 14.23
CA ARG B 84 3.74 17.79 14.55
C ARG B 84 4.52 19.08 14.36
N GLU B 85 5.67 19.21 15.05
CA GLU B 85 6.41 20.49 15.06
C GLU B 85 7.04 20.80 13.71
N ASN B 86 7.37 19.77 12.95
CA ASN B 86 7.93 19.93 11.59
C ASN B 86 6.82 20.19 10.58
N GLY B 87 5.59 19.91 11.00
CA GLY B 87 4.42 20.03 10.13
C GLY B 87 4.54 19.21 8.86
N THR B 88 5.14 18.01 9.00
CA THR B 88 5.24 17.02 7.92
C THR B 88 4.35 15.82 8.21
N VAL B 89 4.07 15.07 7.17
CA VAL B 89 3.48 13.75 7.31
C VAL B 89 4.32 12.75 6.51
N SER B 90 4.28 11.49 6.93
CA SER B 90 5.15 10.46 6.36
C SER B 90 4.46 9.12 6.22
N ARG B 91 5.04 8.27 5.37
CA ARG B 91 4.48 6.95 5.06
C ARG B 91 5.54 6.18 4.33
N TYR B 92 5.61 4.89 4.64
CA TYR B 92 6.57 4.01 4.04
C TYR B 92 5.85 3.31 2.92
N GLU B 93 6.46 3.32 1.73
CA GLU B 93 6.08 2.43 0.62
C GLU B 93 7.18 2.34 -0.44
N GLY B 94 7.51 1.11 -0.84
CA GLY B 94 8.53 0.85 -1.86
C GLY B 94 9.92 0.80 -1.28
N GLY B 95 10.04 0.22 -0.07
CA GLY B 95 11.29 0.16 0.66
C GLY B 95 11.80 1.51 1.16
N ARG B 96 10.96 2.54 1.03
CA ARG B 96 11.38 3.92 1.25
C ARG B 96 10.31 4.71 2.03
N GLU B 97 10.76 5.60 2.91
CA GLU B 97 9.83 6.45 3.65
C GLU B 97 9.64 7.74 2.87
N HIS B 98 8.39 8.20 2.76
CA HIS B 98 8.12 9.43 2.04
C HIS B 98 7.69 10.47 3.05
N VAL B 99 8.29 11.66 2.98
CA VAL B 99 7.94 12.80 3.85
C VAL B 99 7.33 13.93 2.99
N ALA B 100 6.36 14.68 3.53
CA ALA B 100 5.76 15.82 2.84
C ALA B 100 5.26 16.87 3.82
N HIS B 101 5.38 18.14 3.45
CA HIS B 101 4.96 19.24 4.30
C HIS B 101 3.52 19.63 3.96
N LEU B 102 2.62 19.56 4.95
CA LEU B 102 1.26 20.05 4.79
C LEU B 102 1.30 21.57 4.76
N LEU B 103 0.86 22.17 3.65
CA LEU B 103 0.87 23.62 3.53
C LEU B 103 -0.51 24.13 3.12
N PHE B 104 -0.81 25.39 3.43
CA PHE B 104 -2.09 25.98 3.08
C PHE B 104 -2.03 27.17 2.14
N LEU B 105 -3.09 27.36 1.37
CA LEU B 105 -3.31 28.52 0.55
C LEU B 105 -4.33 29.42 1.27
N ARG B 106 -4.68 30.56 0.68
CA ARG B 106 -5.70 31.44 1.27
C ARG B 106 -7.07 30.73 1.41
N ASP B 107 -7.44 29.95 0.40
CA ASP B 107 -8.72 29.22 0.37
C ASP B 107 -8.72 28.05 1.36
N THR B 108 -9.79 27.97 2.17
CA THR B 108 -9.99 26.89 3.15
C THR B 108 -10.30 25.54 2.49
N LYS B 109 -10.85 25.58 1.29
CA LYS B 109 -11.34 24.38 0.59
C LYS B 109 -10.23 23.66 -0.17
N THR B 110 -8.99 24.10 0.04
CA THR B 110 -7.83 23.55 -0.64
C THR B 110 -6.71 23.21 0.36
N LEU B 111 -5.76 22.39 -0.07
CA LEU B 111 -4.51 22.21 0.65
C LEU B 111 -3.41 21.77 -0.31
N MET B 112 -2.17 21.86 0.14
CA MET B 112 -1.04 21.34 -0.64
C MET B 112 -0.15 20.44 0.21
N PHE B 113 0.53 19.52 -0.46
CA PHE B 113 1.65 18.81 0.14
C PHE B 113 2.88 19.14 -0.68
N GLY B 114 3.95 19.54 0.01
CA GLY B 114 5.21 19.85 -0.66
C GLY B 114 6.25 18.78 -0.39
N SER B 115 6.89 18.30 -1.45
CA SER B 115 7.87 17.21 -1.32
C SER B 115 9.28 17.73 -1.51
N TYR B 116 10.22 17.18 -0.74
CA TYR B 116 11.61 17.61 -0.76
C TYR B 116 11.75 19.14 -0.80
N LEU B 117 10.98 19.85 0.02
CA LEU B 117 11.02 21.31 0.02
C LEU B 117 12.40 21.84 0.42
N ASP B 118 13.18 20.93 0.97
CA ASP B 118 14.56 21.16 1.37
C ASP B 118 15.43 21.52 0.17
N ASP B 119 15.53 20.63 -0.83
CA ASP B 119 16.49 20.83 -1.93
C ASP B 119 15.93 21.32 -3.27
N GLU B 120 16.63 22.31 -3.83
CA GLU B 120 16.20 23.00 -5.04
C GLU B 120 16.09 22.06 -6.24
N LYS B 121 16.83 20.96 -6.21
CA LYS B 121 16.91 20.05 -7.36
C LYS B 121 15.74 19.06 -7.46
N ASN B 122 14.99 18.90 -6.37
CA ASN B 122 13.98 17.85 -6.31
C ASN B 122 12.59 18.28 -5.86
N TRP B 123 12.47 19.52 -5.37
CA TRP B 123 11.25 20.00 -4.73
C TRP B 123 10.04 19.97 -5.64
N GLY B 124 8.86 19.85 -5.05
CA GLY B 124 7.61 19.81 -5.82
C GLY B 124 6.37 20.00 -4.96
N LEU B 125 5.22 20.15 -5.61
CA LEU B 125 3.97 20.47 -4.90
C LEU B 125 2.75 19.74 -5.44
N SER B 126 1.92 19.24 -4.54
CA SER B 126 0.69 18.53 -4.92
C SER B 126 -0.50 19.29 -4.37
N PHE B 127 -1.50 19.47 -5.24
CA PHE B 127 -2.63 20.36 -5.01
C PHE B 127 -3.93 19.57 -4.85
N TYR B 128 -4.67 19.88 -3.78
CA TYR B 128 -5.86 19.14 -3.37
C TYR B 128 -7.03 20.07 -3.05
N ALA B 129 -8.24 19.64 -3.44
CA ALA B 129 -9.46 20.43 -3.21
C ALA B 129 -10.60 19.52 -2.76
N ASP B 130 -11.63 20.12 -2.19
CA ASP B 130 -12.77 19.36 -1.67
C ASP B 130 -13.75 19.03 -2.80
N LYS B 131 -13.38 19.47 -4.00
CA LYS B 131 -14.15 19.20 -5.21
C LYS B 131 -13.18 18.71 -6.29
N PRO B 132 -13.69 17.96 -7.30
CA PRO B 132 -12.83 17.44 -8.36
C PRO B 132 -12.30 18.53 -9.30
N GLU B 133 -12.94 19.69 -9.28
CA GLU B 133 -12.51 20.85 -10.04
C GLU B 133 -12.34 22.02 -9.09
N THR B 134 -11.36 22.86 -9.37
CA THR B 134 -11.17 24.10 -8.64
C THR B 134 -11.58 25.27 -9.54
N THR B 135 -11.81 26.42 -8.93
CA THR B 135 -12.05 27.66 -9.66
C THR B 135 -10.72 28.35 -10.02
N LYS B 136 -10.78 29.23 -11.02
CA LYS B 136 -9.67 30.10 -11.42
C LYS B 136 -8.92 30.64 -10.20
N GLU B 137 -9.66 30.92 -9.14
CA GLU B 137 -9.13 31.53 -7.92
C GLU B 137 -8.23 30.58 -7.12
N GLN B 138 -8.77 29.43 -6.73
CA GLN B 138 -8.00 28.41 -6.00
C GLN B 138 -6.80 27.94 -6.82
N LEU B 139 -7.01 27.70 -8.11
CA LEU B 139 -5.94 27.27 -9.02
C LEU B 139 -4.77 28.27 -9.05
N GLY B 140 -5.10 29.57 -9.02
CA GLY B 140 -4.11 30.65 -8.96
C GLY B 140 -3.18 30.58 -7.76
N GLU B 141 -3.73 30.35 -6.57
CA GLU B 141 -2.93 30.17 -5.36
C GLU B 141 -1.91 29.03 -5.55
N PHE B 142 -2.37 27.93 -6.16
CA PHE B 142 -1.50 26.83 -6.52
C PHE B 142 -0.39 27.30 -7.44
N TYR B 143 -0.76 28.04 -8.49
CA TYR B 143 0.24 28.51 -9.45
C TYR B 143 1.24 29.48 -8.83
N GLU B 144 0.77 30.37 -7.97
CA GLU B 144 1.67 31.24 -7.18
C GLU B 144 2.76 30.42 -6.46
N ALA B 145 2.35 29.35 -5.80
CA ALA B 145 3.26 28.50 -5.05
C ALA B 145 4.28 27.80 -5.95
N LEU B 146 3.85 27.43 -7.15
CA LEU B 146 4.75 26.84 -8.14
C LEU B 146 5.79 27.82 -8.64
N ASP B 147 5.34 29.06 -8.87
CA ASP B 147 6.21 30.15 -9.32
C ASP B 147 7.27 30.41 -8.27
N CYS B 148 6.82 30.39 -7.02
CA CYS B 148 7.67 30.44 -5.84
C CYS B 148 8.81 29.42 -5.87
N LEU B 149 8.50 28.17 -6.24
CA LEU B 149 9.54 27.15 -6.37
C LEU B 149 10.19 27.10 -7.76
N ARG B 150 9.90 28.12 -8.58
CA ARG B 150 10.40 28.21 -9.95
C ARG B 150 10.14 26.93 -10.76
N ILE B 151 8.97 26.34 -10.56
CA ILE B 151 8.53 25.26 -11.43
C ILE B 151 7.58 25.85 -12.47
N PRO B 152 7.88 25.69 -13.77
CA PRO B 152 7.00 26.28 -14.78
C PRO B 152 5.64 25.61 -14.75
N ARG B 153 4.60 26.31 -15.19
CA ARG B 153 3.23 25.77 -15.21
C ARG B 153 3.03 24.69 -16.29
N SER B 154 3.92 24.66 -17.27
CA SER B 154 3.95 23.59 -18.28
C SER B 154 4.32 22.19 -17.73
N ASP B 155 4.93 22.12 -16.54
CA ASP B 155 5.31 20.84 -15.95
C ASP B 155 4.22 20.24 -15.07
N VAL B 156 3.12 20.95 -14.94
CA VAL B 156 2.03 20.44 -14.10
C VAL B 156 1.34 19.24 -14.74
N MET B 157 1.08 18.21 -13.91
CA MET B 157 0.22 17.07 -14.31
C MET B 157 -1.18 17.23 -13.66
N TYR B 158 -2.24 17.05 -14.46
CA TYR B 158 -3.59 17.27 -13.97
C TYR B 158 -4.41 15.98 -13.90
N THR B 159 -5.27 15.84 -12.89
CA THR B 159 -6.19 14.72 -12.89
C THR B 159 -7.37 15.08 -13.77
N ASP B 160 -8.05 14.06 -14.28
CA ASP B 160 -9.26 14.28 -15.03
C ASP B 160 -10.40 13.48 -14.44
N TRP B 161 -11.36 14.19 -13.86
CA TRP B 161 -12.49 13.55 -13.17
C TRP B 161 -13.33 12.64 -14.06
N LYS B 162 -13.29 12.87 -15.37
CA LYS B 162 -14.08 12.08 -16.32
C LYS B 162 -13.53 10.66 -16.46
N LYS B 163 -12.26 10.50 -16.08
CA LYS B 163 -11.57 9.23 -16.20
C LYS B 163 -11.74 8.38 -14.93
N ASP B 164 -12.34 8.98 -13.89
CA ASP B 164 -12.51 8.32 -12.60
C ASP B 164 -13.26 6.99 -12.70
N LYS B 165 -12.83 6.01 -11.91
CA LYS B 165 -13.52 4.73 -11.87
C LYS B 165 -13.89 4.28 -10.45
N CYS B 166 -13.54 5.08 -9.45
CA CYS B 166 -13.55 4.61 -8.08
C CYS B 166 -14.85 4.79 -7.31
N GLU B 167 -15.71 5.67 -7.82
CA GLU B 167 -16.96 6.01 -7.15
C GLU B 167 -17.86 4.82 -6.79
N PRO B 168 -18.01 3.83 -7.70
CA PRO B 168 -18.78 2.64 -7.35
C PRO B 168 -18.24 1.81 -6.17
N LEU B 169 -16.92 1.55 -6.17
CA LEU B 169 -16.27 0.87 -5.03
C LEU B 169 -16.51 1.62 -3.73
N GLU B 170 -16.33 2.94 -3.76
CA GLU B 170 -16.59 3.82 -2.63
C GLU B 170 -18.04 3.71 -2.14
N LYS B 171 -18.97 3.59 -3.08
CA LYS B 171 -20.39 3.41 -2.78
C LYS B 171 -20.65 2.04 -2.14
N GLN B 172 -20.02 1.01 -2.71
CA GLN B 172 -20.02 -0.33 -2.14
C GLN B 172 -19.48 -0.33 -0.70
N HIS B 173 -18.44 0.46 -0.46
CA HIS B 173 -17.83 0.58 0.87
C HIS B 173 -18.78 1.16 1.92
N GLU B 174 -19.45 2.27 1.60
CA GLU B 174 -20.42 2.90 2.52
C GLU B 174 -21.49 1.89 2.94
N LYS B 175 -21.96 1.10 1.99
CA LYS B 175 -23.01 0.12 2.24
C LYS B 175 -22.51 -1.04 3.10
N GLU B 176 -21.22 -1.36 2.99
CA GLU B 176 -20.60 -2.37 3.85
C GLU B 176 -20.40 -1.81 5.26
N1 TP0 C . 5.50 -11.54 -1.15
C3 TP0 C . 1.67 -12.43 -1.05
C4 TP0 C . 1.34 -10.40 -2.39
C5 TP0 C . 0.33 -10.98 0.56
C6 TP0 C . 1.31 -11.78 -2.35
C7 TP0 C . 0.71 -12.25 0.10
C8 TP0 C . 2.82 -13.14 -0.85
C10 TP0 C . 0.99 -9.73 -3.57
C11 TP0 C . -0.55 -10.90 1.64
C12 TP0 C . 0.88 -12.53 -3.45
C13 TP0 C . 0.23 -13.39 0.72
C14 TP0 C . 5.29 -12.99 -1.42
C15 TP0 C . 0.59 -10.47 -4.67
C16 TP0 C . -1.02 -12.03 2.25
C17 TP0 C . 0.54 -11.87 -4.64
C18 TP0 C . -0.65 -13.28 1.79
C19 TP0 C . 6.96 -11.29 -0.95
C20 TP0 C . 5.02 -10.56 -2.13
C21 TP0 C . 1.77 -9.63 -1.14
C22 TP0 C . 0.74 -9.64 -0.01
C29 TP0 C . 3.88 -13.37 -1.91
C ACY D . 4.68 -11.38 2.57
O ACY D . 5.31 -12.15 1.82
OXT ACY D . 4.40 -10.21 2.22
CH3 ACY D . 4.22 -11.89 3.89
N1 TP0 E . 3.07 12.22 -3.66
C3 TP0 E . 0.94 12.40 -0.36
C4 TP0 E . 2.16 10.40 0.45
C5 TP0 E . -0.90 10.64 -0.11
C6 TP0 E . 1.93 11.77 0.58
C7 TP0 E . -0.49 11.99 -0.14
C8 TP0 E . 1.24 13.27 -1.37
C10 TP0 E . 3.07 9.76 1.30
C11 TP0 E . -2.25 10.39 0.11
C12 TP0 E . 2.57 12.50 1.58
C13 TP0 E . -1.41 13.01 0.05
C14 TP0 E . 2.97 13.64 -3.23
C15 TP0 E . 3.72 10.49 2.30
C16 TP0 E . -3.17 11.43 0.30
C17 TP0 E . 3.47 11.86 2.43
C18 TP0 E . -2.75 12.74 0.26
C19 TP0 E . 3.58 12.13 -5.04
C20 TP0 E . 3.96 11.40 -2.80
C21 TP0 E . 1.44 9.64 -0.65
C22 TP0 E . -0.03 9.41 -0.28
C29 TP0 E . 2.61 13.80 -1.74
#